data_2ATS
#
_entry.id   2ATS
#
_cell.length_a   121.680
_cell.length_b   121.680
_cell.length_c   109.799
_cell.angle_alpha   90.00
_cell.angle_beta   90.00
_cell.angle_gamma   120.00
#
_symmetry.space_group_name_H-M   'P 31 2 1'
#
loop_
_entity.id
_entity.type
_entity.pdbx_description
1 polymer 'dihydrodipicolinate synthase'
2 non-polymer 'POTASSIUM ION'
3 non-polymer 'CHLORIDE ION'
4 non-polymer D-LYSINE
5 water water
#
_entity_poly.entity_id   1
_entity_poly.type   'polypeptide(L)'
_entity_poly.pdbx_seq_one_letter_code
;MFTGSIVAIVTPMDEKGNVCRASLKKLIDYHVASGTSAIVSVGTTGESATLNHDEHADVVMMTLDLADGRIPVIAGTGAN
ATAEAISLTQRFNDSGIVGCLTVTPYYNRPSQEGLYQHFKAIAEHTDLPQILYNVPSRTGCDLLPETVGRLAKVKNIIGI
KEATGNLTRVNQIKELVSDDFVLLSGDDASALDFMQLGGHGVISVTANVAARDMAQMCKLAAEGHFAEARVINQRLMPLH
NKLFVEPNPIPVKWACKELGLVATDTLRLPMTPITDSGRETVRAALKHAGLL
;
_entity_poly.pdbx_strand_id   A,B
#
loop_
_chem_comp.id
_chem_comp.type
_chem_comp.name
_chem_comp.formula
CL non-polymer 'CHLORIDE ION' 'Cl -1'
K non-polymer 'POTASSIUM ION' 'K 1'
#
# COMPACT_ATOMS: atom_id res chain seq x y z
N MET A 1 -4.57 -25.92 11.61
CA MET A 1 -4.34 -24.83 12.63
C MET A 1 -3.44 -23.76 12.02
N PHE A 2 -2.13 -23.82 12.28
CA PHE A 2 -1.17 -22.89 11.69
C PHE A 2 0.05 -23.63 11.06
N THR A 3 -0.17 -24.84 10.52
CA THR A 3 0.84 -25.57 9.78
C THR A 3 0.22 -26.22 8.55
N GLY A 4 1.07 -26.84 7.72
CA GLY A 4 0.64 -27.55 6.52
C GLY A 4 0.26 -26.61 5.39
N SER A 5 -0.68 -27.06 4.56
CA SER A 5 -1.19 -26.28 3.42
C SER A 5 -2.40 -25.41 3.84
N ILE A 6 -2.16 -24.09 3.89
CA ILE A 6 -3.19 -23.15 4.27
C ILE A 6 -3.55 -22.34 3.02
N VAL A 7 -4.82 -22.38 2.65
CA VAL A 7 -5.20 -21.71 1.41
C VAL A 7 -5.43 -20.21 1.63
N ALA A 8 -4.82 -19.39 0.75
CA ALA A 8 -5.11 -17.96 0.66
C ALA A 8 -6.31 -17.86 -0.27
N ILE A 9 -7.51 -18.01 0.30
CA ILE A 9 -8.69 -18.30 -0.55
C ILE A 9 -9.20 -17.05 -1.28
N VAL A 10 -9.58 -17.25 -2.53
CA VAL A 10 -10.23 -16.20 -3.29
C VAL A 10 -11.58 -15.84 -2.66
N THR A 11 -12.03 -14.61 -2.87
CA THR A 11 -13.44 -14.23 -2.60
C THR A 11 -14.20 -14.32 -3.91
N PRO A 12 -14.91 -15.42 -4.16
CA PRO A 12 -15.61 -15.56 -5.42
C PRO A 12 -16.77 -14.60 -5.44
N MET A 13 -17.00 -14.01 -6.61
CA MET A 13 -17.97 -12.96 -6.74
C MET A 13 -18.87 -13.26 -7.90
N ASP A 14 -20.06 -12.67 -7.85
CA ASP A 14 -20.96 -12.76 -8.98
C ASP A 14 -20.52 -11.68 -9.98
N GLU A 15 -21.25 -11.56 -11.09
CA GLU A 15 -20.91 -10.57 -12.12
C GLU A 15 -20.98 -9.14 -11.61
N LYS A 16 -21.77 -8.92 -10.55
CA LYS A 16 -21.87 -7.59 -9.94
C LYS A 16 -20.71 -7.24 -9.01
N GLY A 17 -19.85 -8.21 -8.71
CA GLY A 17 -18.71 -7.98 -7.84
C GLY A 17 -18.97 -8.18 -6.36
N ASN A 18 -20.04 -8.89 -6.03
CA ASN A 18 -20.39 -9.22 -4.64
C ASN A 18 -20.14 -10.70 -4.36
N VAL A 19 -19.85 -11.03 -3.12
CA VAL A 19 -19.55 -12.42 -2.77
C VAL A 19 -20.68 -13.37 -3.21
N CYS A 20 -20.28 -14.47 -3.84
CA CYS A 20 -21.17 -15.54 -4.27
C CYS A 20 -21.07 -16.73 -3.29
N ARG A 21 -22.15 -16.92 -2.52
CA ARG A 21 -22.17 -17.91 -1.44
C ARG A 21 -22.02 -19.31 -1.98
N ALA A 22 -22.72 -19.60 -3.07
CA ALA A 22 -22.71 -20.95 -3.65
C ALA A 22 -21.27 -21.33 -4.03
N SER A 23 -20.57 -20.38 -4.64
CA SER A 23 -19.18 -20.61 -5.04
C SER A 23 -18.29 -20.72 -3.82
N LEU A 24 -18.49 -19.85 -2.84
CA LEU A 24 -17.74 -19.94 -1.60
C LEU A 24 -17.95 -21.29 -0.91
N LYS A 25 -19.20 -21.76 -0.89
CA LYS A 25 -19.51 -23.07 -0.31
C LYS A 25 -18.80 -24.21 -1.06
N LYS A 26 -18.79 -24.16 -2.40
CA LYS A 26 -18.11 -25.16 -3.22
C LYS A 26 -16.60 -25.21 -2.89
N LEU A 27 -15.98 -24.03 -2.83
CA LEU A 27 -14.57 -23.94 -2.46
C LEU A 27 -14.26 -24.54 -1.10
N ILE A 28 -15.04 -24.19 -0.11
CA ILE A 28 -14.79 -24.64 1.26
C ILE A 28 -14.94 -26.17 1.37
N ASP A 29 -16.00 -26.71 0.78
CA ASP A 29 -16.22 -28.17 0.71
C ASP A 29 -15.00 -28.86 0.09
N TYR A 30 -14.49 -28.27 -0.99
CA TYR A 30 -13.30 -28.74 -1.71
C TYR A 30 -12.07 -28.78 -0.82
N HIS A 31 -11.87 -27.73 -0.04
CA HIS A 31 -10.74 -27.69 0.89
C HIS A 31 -10.85 -28.71 1.96
N VAL A 32 -12.06 -28.90 2.47
CA VAL A 32 -12.32 -29.92 3.48
C VAL A 32 -12.04 -31.28 2.87
N ALA A 33 -12.57 -31.53 1.68
CA ALA A 33 -12.33 -32.79 0.95
C ALA A 33 -10.85 -33.03 0.69
N SER A 34 -10.13 -31.96 0.33
CA SER A 34 -8.78 -32.07 -0.15
C SER A 34 -7.71 -32.21 0.93
N GLY A 35 -8.06 -31.92 2.18
CA GLY A 35 -7.08 -32.01 3.27
C GLY A 35 -6.34 -30.73 3.57
N THR A 36 -6.81 -29.63 3.01
CA THR A 36 -6.29 -28.31 3.36
C THR A 36 -6.35 -28.09 4.85
N SER A 37 -5.29 -27.55 5.45
CA SER A 37 -5.20 -27.45 6.92
C SER A 37 -6.00 -26.31 7.53
N ALA A 38 -6.07 -25.21 6.79
CA ALA A 38 -6.84 -24.04 7.24
C ALA A 38 -7.09 -23.12 6.05
N ILE A 39 -8.00 -22.17 6.27
CA ILE A 39 -8.31 -21.15 5.28
C ILE A 39 -8.01 -19.78 5.84
N VAL A 40 -7.27 -19.01 5.08
CA VAL A 40 -7.17 -17.56 5.27
C VAL A 40 -8.28 -16.84 4.49
N SER A 41 -9.17 -16.22 5.24
CA SER A 41 -10.30 -15.49 4.71
C SER A 41 -9.98 -13.99 4.60
N VAL A 42 -10.19 -13.47 3.40
CA VAL A 42 -9.99 -12.06 3.04
C VAL A 42 -8.57 -11.60 3.38
N GLY A 43 -7.60 -12.37 2.90
CA GLY A 43 -6.23 -11.91 2.80
C GLY A 43 -6.04 -11.27 1.43
N THR A 44 -4.78 -11.22 0.99
CA THR A 44 -4.40 -10.57 -0.26
C THR A 44 -5.14 -11.14 -1.49
N THR A 45 -5.15 -12.46 -1.60
CA THR A 45 -5.78 -13.17 -2.72
C THR A 45 -7.32 -13.10 -2.66
N GLY A 46 -7.84 -12.82 -1.46
CA GLY A 46 -9.26 -12.59 -1.23
C GLY A 46 -9.73 -11.16 -1.47
N GLU A 47 -8.87 -10.35 -2.09
CA GLU A 47 -9.19 -8.96 -2.44
C GLU A 47 -9.57 -8.08 -1.24
N SER A 48 -8.80 -8.20 -0.18
CA SER A 48 -9.00 -7.37 1.01
C SER A 48 -9.06 -5.87 0.71
N ALA A 49 -8.19 -5.38 -0.19
CA ALA A 49 -8.13 -3.94 -0.52
C ALA A 49 -9.46 -3.36 -0.97
N THR A 50 -10.19 -4.11 -1.80
CA THR A 50 -11.40 -3.61 -2.47
C THR A 50 -12.73 -3.99 -1.81
N LEU A 51 -12.68 -4.70 -0.69
CA LEU A 51 -13.86 -4.90 0.16
C LEU A 51 -13.84 -3.85 1.25
N ASN A 52 -14.99 -3.23 1.49
CA ASN A 52 -15.06 -2.31 2.62
C ASN A 52 -15.10 -3.09 3.93
N HIS A 53 -14.96 -2.39 5.05
CA HIS A 53 -14.81 -3.08 6.34
C HIS A 53 -15.98 -4.03 6.64
N ASP A 54 -17.21 -3.59 6.33
CA ASP A 54 -18.36 -4.45 6.54
C ASP A 54 -18.42 -5.61 5.58
N GLU A 55 -18.16 -5.32 4.30
CA GLU A 55 -18.11 -6.39 3.30
C GLU A 55 -17.06 -7.46 3.63
N HIS A 56 -15.94 -6.99 4.15
CA HIS A 56 -14.80 -7.82 4.58
C HIS A 56 -15.25 -8.74 5.74
N ALA A 57 -15.85 -8.14 6.77
CA ALA A 57 -16.36 -8.89 7.91
C ALA A 57 -17.41 -9.93 7.48
N ASP A 58 -18.30 -9.55 6.57
CA ASP A 58 -19.33 -10.45 6.05
C ASP A 58 -18.76 -11.69 5.38
N VAL A 59 -17.73 -11.51 4.56
CA VAL A 59 -17.10 -12.63 3.87
C VAL A 59 -16.43 -13.57 4.91
N VAL A 60 -15.76 -12.99 5.89
CA VAL A 60 -15.12 -13.81 6.91
C VAL A 60 -16.18 -14.65 7.69
N MET A 61 -17.23 -13.98 8.14
CA MET A 61 -18.29 -14.63 8.88
C MET A 61 -19.02 -15.68 8.05
N MET A 62 -19.19 -15.40 6.75
CA MET A 62 -19.80 -16.37 5.85
C MET A 62 -18.91 -17.61 5.66
N THR A 63 -17.62 -17.38 5.52
CA THR A 63 -16.65 -18.45 5.41
C THR A 63 -16.67 -19.34 6.65
N LEU A 64 -16.71 -18.71 7.82
CA LEU A 64 -16.77 -19.41 9.09
C LEU A 64 -18.04 -20.27 9.22
N ASP A 65 -19.18 -19.65 8.90
CA ASP A 65 -20.46 -20.36 8.85
C ASP A 65 -20.39 -21.59 7.93
N LEU A 66 -19.89 -21.40 6.71
CA LEU A 66 -19.88 -22.45 5.74
C LEU A 66 -18.87 -23.56 6.09
N ALA A 67 -17.73 -23.18 6.68
CA ALA A 67 -16.76 -24.17 7.17
C ALA A 67 -17.43 -25.12 8.20
N ASP A 68 -18.31 -24.54 9.02
CA ASP A 68 -19.18 -25.28 9.94
C ASP A 68 -18.36 -26.20 10.84
N GLY A 69 -17.25 -25.67 11.32
CA GLY A 69 -16.39 -26.38 12.22
C GLY A 69 -15.50 -27.43 11.59
N ARG A 70 -15.57 -27.62 10.29
CA ARG A 70 -14.85 -28.69 9.62
C ARG A 70 -13.40 -28.34 9.30
N ILE A 71 -13.07 -27.05 9.30
CA ILE A 71 -11.73 -26.58 8.91
C ILE A 71 -11.51 -25.20 9.49
N PRO A 72 -10.32 -24.96 10.07
CA PRO A 72 -10.10 -23.69 10.74
C PRO A 72 -9.99 -22.54 9.78
N VAL A 73 -10.43 -21.40 10.28
CA VAL A 73 -10.48 -20.19 9.51
C VAL A 73 -9.71 -19.12 10.22
N ILE A 74 -8.77 -18.55 9.47
CA ILE A 74 -7.94 -17.43 9.91
C ILE A 74 -8.45 -16.18 9.18
N ALA A 75 -8.77 -15.13 9.95
CA ALA A 75 -9.16 -13.83 9.35
C ALA A 75 -7.99 -12.95 8.93
N GLY A 76 -8.06 -12.44 7.70
CA GLY A 76 -7.19 -11.33 7.28
C GLY A 76 -7.63 -10.07 8.02
N THR A 77 -6.71 -9.45 8.75
CA THR A 77 -7.05 -8.29 9.57
C THR A 77 -6.07 -7.13 9.40
N GLY A 78 -5.19 -7.22 8.40
CA GLY A 78 -4.18 -6.20 8.17
C GLY A 78 -4.79 -4.86 7.84
N ALA A 79 -4.10 -3.81 8.26
CA ALA A 79 -4.45 -2.45 7.83
C ALA A 79 -3.21 -1.56 8.02
N ASN A 80 -3.14 -0.47 7.26
CA ASN A 80 -1.97 0.39 7.37
C ASN A 80 -2.19 1.53 8.34
N ALA A 81 -3.37 1.62 8.94
CA ALA A 81 -3.60 2.48 10.09
C ALA A 81 -3.86 1.56 11.28
N THR A 82 -3.15 1.78 12.38
CA THR A 82 -3.26 0.90 13.56
C THR A 82 -4.70 0.83 14.12
N ALA A 83 -5.39 1.97 14.10
CA ALA A 83 -6.74 2.04 14.64
C ALA A 83 -7.67 1.18 13.80
N GLU A 84 -7.46 1.15 12.47
CA GLU A 84 -8.24 0.28 11.59
C GLU A 84 -7.98 -1.19 11.81
N ALA A 85 -6.71 -1.54 11.98
CA ALA A 85 -6.31 -2.92 12.27
C ALA A 85 -6.97 -3.38 13.57
N ILE A 86 -6.98 -2.50 14.58
CA ILE A 86 -7.61 -2.82 15.85
C ILE A 86 -9.11 -3.07 15.66
N SER A 87 -9.79 -2.17 14.94
CA SER A 87 -11.23 -2.31 14.70
C SER A 87 -11.60 -3.59 13.99
N LEU A 88 -10.85 -3.91 12.96
CA LEU A 88 -11.09 -5.11 12.16
C LEU A 88 -10.93 -6.33 13.05
N THR A 89 -9.84 -6.35 13.81
CA THR A 89 -9.58 -7.42 14.74
C THR A 89 -10.70 -7.60 15.77
N GLN A 90 -11.18 -6.50 16.32
CA GLN A 90 -12.25 -6.54 17.33
C GLN A 90 -13.52 -7.15 16.76
N ARG A 91 -13.73 -6.93 15.48
CA ARG A 91 -14.83 -7.53 14.77
C ARG A 91 -14.90 -9.04 14.94
N PHE A 92 -13.74 -9.70 14.98
CA PHE A 92 -13.72 -11.16 14.99
C PHE A 92 -13.45 -11.76 16.37
N ASN A 93 -13.20 -10.91 17.35
CA ASN A 93 -13.10 -11.38 18.72
C ASN A 93 -14.37 -12.19 19.08
N ASP A 94 -14.16 -13.36 19.67
CA ASP A 94 -15.22 -14.27 20.10
C ASP A 94 -16.13 -14.69 18.95
N SER A 95 -15.55 -14.96 17.79
CA SER A 95 -16.31 -15.28 16.57
C SER A 95 -16.22 -16.74 16.10
N GLY A 96 -15.22 -17.49 16.57
CA GLY A 96 -14.97 -18.83 16.01
C GLY A 96 -13.73 -18.90 15.13
N ILE A 97 -13.31 -17.75 14.63
CA ILE A 97 -12.04 -17.60 13.93
C ILE A 97 -10.92 -18.11 14.83
N VAL A 98 -9.97 -18.88 14.28
CA VAL A 98 -8.87 -19.39 15.12
C VAL A 98 -7.68 -18.44 15.28
N GLY A 99 -7.59 -17.45 14.39
CA GLY A 99 -6.46 -16.56 14.40
C GLY A 99 -6.59 -15.46 13.34
N CYS A 100 -5.64 -14.53 13.36
CA CYS A 100 -5.60 -13.43 12.41
C CYS A 100 -4.32 -13.38 11.61
N LEU A 101 -4.43 -13.00 10.34
CA LEU A 101 -3.25 -12.74 9.51
C LEU A 101 -3.16 -11.22 9.28
N THR A 102 -2.08 -10.62 9.80
CA THR A 102 -1.93 -9.15 9.82
C THR A 102 -0.62 -8.65 9.18
N VAL A 103 -0.81 -7.99 8.05
CA VAL A 103 0.27 -7.49 7.22
C VAL A 103 0.86 -6.20 7.76
N THR A 104 2.16 -6.04 7.52
CA THR A 104 2.82 -4.76 7.78
C THR A 104 2.07 -3.64 7.04
N PRO A 105 1.88 -2.49 7.68
CA PRO A 105 1.31 -1.35 6.99
C PRO A 105 2.01 -1.09 5.64
N TYR A 106 1.16 -0.80 4.65
CA TYR A 106 1.54 -0.55 3.25
C TYR A 106 1.39 0.96 2.98
N TYR A 107 2.18 1.47 2.02
CA TYR A 107 2.14 2.87 1.56
C TYR A 107 2.87 3.89 2.45
N ASN A 108 2.60 3.84 3.75
CA ASN A 108 3.15 4.81 4.68
C ASN A 108 4.53 4.46 5.25
N ARG A 109 5.05 3.28 4.92
CA ARG A 109 6.46 2.93 5.16
C ARG A 109 6.97 3.22 6.59
N PRO A 110 6.34 2.61 7.59
CA PRO A 110 6.75 2.83 8.97
C PRO A 110 8.13 2.26 9.26
N SER A 111 8.77 2.79 10.30
CA SER A 111 10.05 2.27 10.77
C SER A 111 9.84 0.91 11.42
N GLN A 112 10.93 0.23 11.78
CA GLN A 112 10.83 -1.03 12.51
C GLN A 112 10.20 -0.81 13.89
N GLU A 113 10.51 0.31 14.52
CA GLU A 113 9.82 0.72 15.74
C GLU A 113 8.31 0.89 15.53
N GLY A 114 7.94 1.56 14.45
CA GLY A 114 6.52 1.68 14.12
C GLY A 114 5.86 0.34 13.90
N LEU A 115 6.52 -0.58 13.20
CA LEU A 115 5.97 -1.93 13.05
C LEU A 115 5.77 -2.59 14.41
N TYR A 116 6.78 -2.48 15.28
CA TYR A 116 6.68 -3.01 16.63
C TYR A 116 5.45 -2.46 17.38
N GLN A 117 5.31 -1.15 17.41
CA GLN A 117 4.19 -0.53 18.12
C GLN A 117 2.83 -0.87 17.50
N HIS A 118 2.80 -0.96 16.17
CA HIS A 118 1.58 -1.28 15.43
C HIS A 118 1.10 -2.68 15.83
N PHE A 119 1.95 -3.68 15.67
CA PHE A 119 1.57 -5.07 15.95
C PHE A 119 1.34 -5.34 17.45
N LYS A 120 2.13 -4.70 18.29
CA LYS A 120 1.97 -4.84 19.73
C LYS A 120 0.60 -4.32 20.12
N ALA A 121 0.24 -3.13 19.65
CA ALA A 121 -1.06 -2.55 19.97
C ALA A 121 -2.22 -3.45 19.51
N ILE A 122 -2.10 -4.01 18.32
CA ILE A 122 -3.12 -4.90 17.79
C ILE A 122 -3.29 -6.13 18.72
N ALA A 123 -2.17 -6.78 19.00
CA ALA A 123 -2.14 -7.98 19.88
C ALA A 123 -2.74 -7.70 21.25
N GLU A 124 -2.48 -6.52 21.77
CA GLU A 124 -3.03 -6.06 23.03
C GLU A 124 -4.55 -5.92 23.04
N HIS A 125 -5.18 -5.73 21.88
CA HIS A 125 -6.65 -5.62 21.81
C HIS A 125 -7.40 -6.91 21.48
N THR A 126 -6.77 -8.06 21.63
CA THR A 126 -7.39 -9.32 21.30
C THR A 126 -6.75 -10.45 22.05
N ASP A 127 -7.51 -11.53 22.23
CA ASP A 127 -6.96 -12.79 22.70
C ASP A 127 -6.57 -13.70 21.53
N LEU A 128 -6.97 -13.34 20.30
CA LEU A 128 -6.70 -14.21 19.16
C LEU A 128 -5.21 -14.27 18.80
N PRO A 129 -4.74 -15.46 18.44
CA PRO A 129 -3.38 -15.61 17.92
C PRO A 129 -3.18 -14.73 16.67
N GLN A 130 -2.00 -14.13 16.59
CA GLN A 130 -1.59 -13.24 15.50
C GLN A 130 -0.44 -13.84 14.68
N ILE A 131 -0.62 -13.88 13.35
CA ILE A 131 0.42 -14.24 12.39
C ILE A 131 0.80 -12.97 11.63
N LEU A 132 2.02 -12.52 11.85
CA LEU A 132 2.58 -11.39 11.12
C LEU A 132 2.75 -11.78 9.66
N TYR A 133 2.79 -10.77 8.81
CA TYR A 133 2.82 -11.01 7.36
C TYR A 133 3.71 -9.94 6.73
N ASN A 134 4.82 -10.40 6.12
CA ASN A 134 5.79 -9.53 5.46
C ASN A 134 5.83 -9.80 3.96
N VAL A 135 5.59 -8.74 3.20
CA VAL A 135 5.53 -8.83 1.75
C VAL A 135 5.95 -7.47 1.16
N PRO A 136 7.24 -7.16 1.28
CA PRO A 136 7.77 -5.84 0.88
C PRO A 136 7.42 -5.42 -0.53
N SER A 137 7.31 -6.37 -1.44
CA SER A 137 6.96 -6.06 -2.84
C SER A 137 5.61 -5.39 -3.02
N ARG A 138 4.71 -5.60 -2.08
CA ARG A 138 3.38 -4.98 -2.09
C ARG A 138 3.29 -3.75 -1.19
N THR A 139 4.08 -3.74 -0.11
CA THR A 139 3.88 -2.78 0.99
C THR A 139 4.84 -1.60 0.98
N GLY A 140 6.02 -1.75 0.36
CA GLY A 140 7.11 -0.78 0.51
C GLY A 140 7.81 -0.83 1.86
N CYS A 141 7.55 -1.90 2.60
CA CYS A 141 8.02 -2.04 3.97
C CYS A 141 8.54 -3.48 4.19
N ASP A 142 9.63 -3.62 4.94
CA ASP A 142 10.24 -4.93 5.19
C ASP A 142 10.44 -5.13 6.69
N LEU A 143 9.67 -6.06 7.24
CA LEU A 143 9.75 -6.45 8.63
C LEU A 143 10.91 -7.41 8.84
N LEU A 144 11.98 -6.91 9.46
CA LEU A 144 13.22 -7.66 9.53
C LEU A 144 13.19 -8.68 10.65
N PRO A 145 13.98 -9.74 10.53
CA PRO A 145 14.04 -10.78 11.59
C PRO A 145 14.22 -10.24 13.00
N GLU A 146 15.06 -9.23 13.22
CA GLU A 146 15.26 -8.71 14.56
C GLU A 146 13.93 -8.21 15.18
N THR A 147 13.15 -7.51 14.38
CA THR A 147 11.86 -7.01 14.80
C THR A 147 10.85 -8.14 15.01
N VAL A 148 10.92 -9.15 14.16
CA VAL A 148 10.06 -10.34 14.35
C VAL A 148 10.36 -10.97 15.72
N GLY A 149 11.63 -11.03 16.08
CA GLY A 149 12.07 -11.57 17.37
C GLY A 149 11.52 -10.78 18.53
N ARG A 150 11.55 -9.46 18.40
CA ARG A 150 11.05 -8.58 19.42
C ARG A 150 9.53 -8.79 19.61
N LEU A 151 8.81 -8.88 18.51
CA LEU A 151 7.38 -9.14 18.54
C LEU A 151 6.98 -10.55 18.99
N ALA A 152 7.80 -11.56 18.70
CA ALA A 152 7.48 -12.93 19.11
C ALA A 152 7.45 -13.08 20.64
N LYS A 153 7.96 -12.09 21.35
CA LYS A 153 7.87 -12.10 22.80
C LYS A 153 6.48 -11.76 23.33
N VAL A 154 5.65 -11.14 22.49
CA VAL A 154 4.27 -10.88 22.83
C VAL A 154 3.49 -12.19 22.80
N LYS A 155 2.76 -12.46 23.88
CA LYS A 155 2.19 -13.81 24.10
C LYS A 155 1.44 -14.34 22.86
N ASN A 156 0.53 -13.54 22.32
CA ASN A 156 -0.32 -13.99 21.19
C ASN A 156 0.20 -13.65 19.80
N ILE A 157 1.46 -13.22 19.68
CA ILE A 157 2.11 -13.17 18.39
C ILE A 157 2.87 -14.47 18.19
N ILE A 158 2.32 -15.33 17.34
CA ILE A 158 2.71 -16.75 17.31
C ILE A 158 3.32 -17.26 16.02
N GLY A 159 3.41 -16.40 15.01
CA GLY A 159 3.92 -16.83 13.73
C GLY A 159 4.09 -15.71 12.73
N ILE A 160 4.63 -16.08 11.58
CA ILE A 160 4.82 -15.15 10.44
C ILE A 160 4.59 -15.83 9.10
N LYS A 161 3.86 -15.13 8.24
CA LYS A 161 3.83 -15.41 6.80
C LYS A 161 4.96 -14.62 6.13
N GLU A 162 5.98 -15.33 5.65
CA GLU A 162 7.15 -14.67 5.08
C GLU A 162 7.10 -14.80 3.59
N ALA A 163 6.73 -13.70 2.94
CA ALA A 163 6.46 -13.71 1.49
C ALA A 163 7.57 -13.08 0.66
N THR A 164 8.75 -12.82 1.23
CA THR A 164 9.85 -12.26 0.43
C THR A 164 10.39 -13.18 -0.65
N GLY A 165 10.31 -14.49 -0.44
CA GLY A 165 10.99 -15.42 -1.30
C GLY A 165 12.48 -15.44 -1.04
N ASN A 166 12.92 -14.75 0.01
CA ASN A 166 14.31 -14.77 0.43
C ASN A 166 14.46 -15.83 1.53
N LEU A 167 14.98 -16.99 1.15
CA LEU A 167 14.99 -18.14 2.01
C LEU A 167 15.91 -18.01 3.22
N THR A 168 16.88 -17.09 3.19
CA THR A 168 17.76 -16.86 4.35
C THR A 168 16.99 -16.41 5.59
N ARG A 169 15.81 -15.82 5.37
CA ARG A 169 14.96 -15.38 6.46
C ARG A 169 14.52 -16.49 7.40
N VAL A 170 14.39 -17.71 6.90
CA VAL A 170 13.83 -18.80 7.71
C VAL A 170 14.66 -18.99 8.97
N ASN A 171 15.93 -19.26 8.77
CA ASN A 171 16.79 -19.52 9.90
C ASN A 171 17.22 -18.26 10.64
N GLN A 172 17.13 -17.10 10.00
CA GLN A 172 17.40 -15.86 10.70
C GLN A 172 16.31 -15.57 11.75
N ILE A 173 15.07 -15.88 11.40
CA ILE A 173 13.96 -15.70 12.31
C ILE A 173 13.92 -16.82 13.34
N LYS A 174 14.07 -18.06 12.88
CA LYS A 174 13.99 -19.24 13.73
C LYS A 174 14.95 -19.12 14.92
N GLU A 175 16.13 -18.55 14.66
CA GLU A 175 17.16 -18.37 15.70
C GLU A 175 16.74 -17.38 16.76
N LEU A 176 15.79 -16.50 16.44
CA LEU A 176 15.44 -15.41 17.34
C LEU A 176 14.14 -15.64 18.08
N VAL A 177 13.45 -16.74 17.80
CA VAL A 177 12.13 -16.96 18.37
C VAL A 177 12.06 -18.35 18.98
N SER A 178 11.05 -18.57 19.81
CA SER A 178 10.84 -19.86 20.45
C SER A 178 10.52 -20.94 19.41
N ASP A 179 10.72 -22.19 19.81
CA ASP A 179 10.55 -23.33 18.93
C ASP A 179 9.10 -23.52 18.53
N ASP A 180 8.16 -22.95 19.26
CA ASP A 180 6.77 -23.08 18.85
C ASP A 180 6.24 -21.93 17.96
N PHE A 181 7.07 -20.94 17.71
CA PHE A 181 6.75 -19.89 16.76
C PHE A 181 6.69 -20.47 15.36
N VAL A 182 5.64 -20.16 14.62
CA VAL A 182 5.39 -20.80 13.34
C VAL A 182 5.95 -19.97 12.17
N LEU A 183 6.58 -20.66 11.24
CA LEU A 183 7.18 -20.04 10.07
C LEU A 183 6.46 -20.58 8.86
N LEU A 184 5.75 -19.69 8.18
CA LEU A 184 4.96 -20.04 7.03
C LEU A 184 5.45 -19.29 5.78
N SER A 185 5.61 -20.01 4.69
CA SER A 185 5.91 -19.40 3.40
C SER A 185 4.73 -18.62 2.84
N GLY A 186 5.04 -17.46 2.26
CA GLY A 186 4.08 -16.71 1.48
C GLY A 186 4.49 -16.59 0.03
N ASP A 187 5.25 -17.56 -0.47
CA ASP A 187 5.75 -17.56 -1.83
C ASP A 187 5.75 -18.98 -2.40
N ASP A 188 4.69 -19.31 -3.11
CA ASP A 188 4.48 -20.67 -3.60
C ASP A 188 5.72 -21.29 -4.27
N ALA A 189 6.35 -20.52 -5.15
CA ALA A 189 7.49 -21.03 -5.93
C ALA A 189 8.65 -21.51 -5.06
N SER A 190 8.82 -20.92 -3.88
CA SER A 190 9.91 -21.28 -2.95
C SER A 190 9.47 -21.97 -1.67
N ALA A 191 8.18 -22.32 -1.59
CA ALA A 191 7.59 -22.80 -0.33
C ALA A 191 8.17 -24.14 0.12
N LEU A 192 8.43 -25.05 -0.81
CA LEU A 192 8.98 -26.33 -0.43
C LEU A 192 10.42 -26.15 0.13
N ASP A 193 11.24 -25.37 -0.56
CA ASP A 193 12.55 -24.96 -0.06
C ASP A 193 12.48 -24.37 1.35
N PHE A 194 11.48 -23.53 1.55
CA PHE A 194 11.25 -22.83 2.81
C PHE A 194 10.97 -23.85 3.93
N MET A 195 10.16 -24.85 3.59
CA MET A 195 9.88 -25.95 4.51
C MET A 195 11.10 -26.84 4.73
N GLN A 196 11.86 -27.11 3.67
CA GLN A 196 13.07 -27.88 3.81
C GLN A 196 14.09 -27.26 4.76
N LEU A 197 14.10 -25.93 4.83
CA LEU A 197 14.92 -25.17 5.76
C LEU A 197 14.36 -25.05 7.17
N GLY A 198 13.16 -25.57 7.41
CA GLY A 198 12.59 -25.55 8.76
C GLY A 198 11.24 -24.88 8.88
N GLY A 199 10.72 -24.34 7.77
CA GLY A 199 9.35 -23.78 7.78
C GLY A 199 8.30 -24.85 8.08
N HIS A 200 7.13 -24.42 8.56
CA HIS A 200 6.09 -25.31 9.05
C HIS A 200 4.91 -25.46 8.12
N GLY A 201 4.94 -24.74 7.01
CA GLY A 201 3.85 -24.73 6.06
C GLY A 201 3.89 -23.53 5.14
N VAL A 202 2.77 -23.32 4.43
CA VAL A 202 2.64 -22.28 3.43
C VAL A 202 1.21 -21.73 3.42
N ILE A 203 1.09 -20.39 3.32
CA ILE A 203 -0.18 -19.74 2.98
C ILE A 203 -0.14 -19.53 1.47
N SER A 204 -0.90 -20.36 0.77
CA SER A 204 -0.68 -20.62 -0.62
C SER A 204 -1.78 -20.09 -1.53
N VAL A 205 -1.36 -19.53 -2.65
CA VAL A 205 -2.27 -19.21 -3.74
C VAL A 205 -2.57 -20.47 -4.58
N THR A 206 -1.51 -21.20 -4.93
CA THR A 206 -1.62 -22.44 -5.65
C THR A 206 -2.68 -23.39 -5.05
N ALA A 207 -2.76 -23.45 -3.72
CA ALA A 207 -3.71 -24.35 -3.03
C ALA A 207 -5.18 -24.11 -3.42
N ASN A 208 -5.50 -22.94 -3.97
CA ASN A 208 -6.87 -22.65 -4.42
C ASN A 208 -7.34 -23.66 -5.45
N VAL A 209 -6.42 -24.11 -6.31
CA VAL A 209 -6.74 -24.96 -7.46
C VAL A 209 -6.01 -26.34 -7.46
N ALA A 210 -5.07 -26.53 -6.56
CA ALA A 210 -4.38 -27.82 -6.45
C ALA A 210 -4.31 -28.18 -4.99
N ALA A 211 -5.45 -28.12 -4.32
CA ALA A 211 -5.47 -28.23 -2.87
C ALA A 211 -4.96 -29.60 -2.40
N ARG A 212 -5.29 -30.65 -3.15
CA ARG A 212 -4.95 -32.01 -2.73
C ARG A 212 -3.41 -32.22 -2.80
N ASP A 213 -2.84 -31.83 -3.93
CA ASP A 213 -1.39 -31.90 -4.14
C ASP A 213 -0.61 -31.06 -3.14
N MET A 214 -1.13 -29.86 -2.86
CA MET A 214 -0.48 -28.96 -1.92
C MET A 214 -0.49 -29.60 -0.53
N ALA A 215 -1.64 -30.15 -0.13
CA ALA A 215 -1.71 -30.81 1.18
C ALA A 215 -0.71 -31.97 1.29
N GLN A 216 -0.67 -32.80 0.24
CA GLN A 216 0.19 -33.98 0.19
C GLN A 216 1.65 -33.57 0.24
N MET A 217 2.01 -32.56 -0.55
CA MET A 217 3.38 -32.04 -0.57
C MET A 217 3.85 -31.52 0.80
N CYS A 218 2.97 -30.80 1.51
CA CYS A 218 3.30 -30.28 2.82
C CYS A 218 3.40 -31.38 3.86
N LYS A 219 2.57 -32.43 3.71
CA LYS A 219 2.66 -33.60 4.60
C LYS A 219 3.98 -34.31 4.40
N LEU A 220 4.33 -34.60 3.15
CA LEU A 220 5.64 -35.20 2.83
C LEU A 220 6.80 -34.37 3.37
N ALA A 221 6.74 -33.04 3.17
CA ALA A 221 7.73 -32.13 3.69
C ALA A 221 7.82 -32.25 5.20
N ALA A 222 6.67 -32.27 5.87
CA ALA A 222 6.68 -32.31 7.33
C ALA A 222 7.28 -33.62 7.86
N GLU A 223 7.17 -34.69 7.07
CA GLU A 223 7.72 -36.00 7.41
C GLU A 223 9.17 -36.13 7.00
N GLY A 224 9.67 -35.11 6.29
CA GLY A 224 11.05 -35.10 5.84
C GLY A 224 11.28 -35.88 4.57
N HIS A 225 10.20 -36.15 3.83
CA HIS A 225 10.29 -36.84 2.55
C HIS A 225 10.37 -35.82 1.42
N PHE A 226 11.48 -35.11 1.36
CA PHE A 226 11.58 -33.97 0.45
C PHE A 226 11.68 -34.36 -1.01
N ALA A 227 12.34 -35.47 -1.33
CA ALA A 227 12.43 -35.91 -2.74
C ALA A 227 11.05 -36.25 -3.30
N GLU A 228 10.26 -36.98 -2.53
CA GLU A 228 8.87 -37.23 -2.90
C GLU A 228 8.06 -35.95 -3.04
N ALA A 229 8.20 -35.07 -2.07
CA ALA A 229 7.52 -33.77 -2.10
C ALA A 229 7.92 -32.97 -3.35
N ARG A 230 9.20 -33.05 -3.75
CA ARG A 230 9.66 -32.33 -4.94
C ARG A 230 9.05 -32.78 -6.23
N VAL A 231 8.72 -34.07 -6.34
CA VAL A 231 8.06 -34.55 -7.55
C VAL A 231 6.75 -33.79 -7.69
N ILE A 232 6.06 -33.61 -6.58
CA ILE A 232 4.80 -32.86 -6.61
C ILE A 232 5.09 -31.39 -6.89
N ASN A 233 6.07 -30.83 -6.20
CA ASN A 233 6.45 -29.43 -6.45
C ASN A 233 6.72 -29.17 -7.94
N GLN A 234 7.43 -30.09 -8.58
CA GLN A 234 7.78 -29.90 -10.00
C GLN A 234 6.57 -29.96 -10.91
N ARG A 235 5.61 -30.80 -10.56
CA ARG A 235 4.34 -30.84 -11.27
C ARG A 235 3.55 -29.52 -11.12
N LEU A 236 3.69 -28.88 -9.95
CA LEU A 236 2.98 -27.61 -9.62
C LEU A 236 3.74 -26.32 -9.97
N MET A 237 5.02 -26.44 -10.31
CA MET A 237 5.87 -25.25 -10.47
C MET A 237 5.37 -24.29 -11.53
N PRO A 238 4.92 -24.79 -12.68
CA PRO A 238 4.29 -23.89 -13.64
C PRO A 238 3.10 -23.09 -13.05
N LEU A 239 2.27 -23.72 -12.21
CA LEU A 239 1.22 -22.98 -11.49
C LEU A 239 1.80 -22.00 -10.49
N HIS A 240 2.80 -22.43 -9.72
CA HIS A 240 3.41 -21.55 -8.74
C HIS A 240 3.85 -20.26 -9.44
N ASN A 241 4.37 -20.37 -10.64
CA ASN A 241 4.85 -19.20 -11.37
C ASN A 241 3.74 -18.45 -12.13
N LYS A 242 2.97 -19.18 -12.92
CA LYS A 242 2.07 -18.55 -13.86
C LYS A 242 0.77 -18.05 -13.23
N LEU A 243 0.52 -18.41 -11.98
CA LEU A 243 -0.60 -17.80 -11.25
C LEU A 243 -0.27 -16.35 -10.94
N PHE A 244 0.94 -15.90 -11.34
CA PHE A 244 1.31 -14.50 -11.20
C PHE A 244 1.69 -13.92 -12.55
N VAL A 245 1.22 -14.56 -13.61
CA VAL A 245 1.48 -14.05 -14.97
C VAL A 245 0.84 -12.68 -15.15
N GLU A 246 -0.32 -12.51 -14.51
CA GLU A 246 -1.00 -11.26 -14.39
C GLU A 246 -1.25 -11.11 -12.89
N PRO A 247 -1.57 -9.90 -12.41
CA PRO A 247 -1.64 -9.68 -10.96
C PRO A 247 -2.63 -10.56 -10.20
N ASN A 248 -2.11 -11.23 -9.18
CA ASN A 248 -2.93 -12.07 -8.30
C ASN A 248 -4.02 -11.20 -7.71
N PRO A 249 -5.27 -11.64 -7.64
CA PRO A 249 -5.76 -12.98 -8.00
C PRO A 249 -6.41 -13.13 -9.37
N ILE A 250 -6.02 -12.33 -10.36
CA ILE A 250 -6.61 -12.44 -11.66
C ILE A 250 -6.43 -13.88 -12.22
N PRO A 251 -5.21 -14.42 -12.24
CA PRO A 251 -5.04 -15.77 -12.79
C PRO A 251 -5.72 -16.89 -11.99
N VAL A 252 -5.62 -16.84 -10.67
CA VAL A 252 -6.16 -17.91 -9.85
C VAL A 252 -7.71 -17.92 -9.87
N LYS A 253 -8.33 -16.73 -10.01
CA LYS A 253 -9.79 -16.69 -10.17
C LYS A 253 -10.25 -17.30 -11.47
N TRP A 254 -9.52 -17.02 -12.54
CA TRP A 254 -9.81 -17.64 -13.81
C TRP A 254 -9.62 -19.16 -13.73
N ALA A 255 -8.52 -19.60 -13.11
CA ALA A 255 -8.28 -21.03 -12.95
C ALA A 255 -9.42 -21.70 -12.18
N CYS A 256 -9.85 -21.09 -11.07
CA CYS A 256 -11.01 -21.60 -10.31
C CYS A 256 -12.25 -21.76 -11.21
N LYS A 257 -12.54 -20.75 -12.02
CA LYS A 257 -13.69 -20.81 -12.90
C LYS A 257 -13.54 -21.94 -13.91
N GLU A 258 -12.35 -22.02 -14.49
CA GLU A 258 -12.05 -23.02 -15.52
C GLU A 258 -12.27 -24.43 -14.97
N LEU A 259 -11.92 -24.62 -13.70
CA LEU A 259 -12.09 -25.92 -13.06
C LEU A 259 -13.48 -26.17 -12.52
N GLY A 260 -14.38 -25.20 -12.67
CA GLY A 260 -15.76 -25.35 -12.21
C GLY A 260 -15.92 -25.14 -10.72
N LEU A 261 -14.91 -24.60 -10.05
CA LEU A 261 -14.94 -24.40 -8.61
C LEU A 261 -15.73 -23.13 -8.23
N VAL A 262 -15.76 -22.14 -9.12
CA VAL A 262 -16.55 -20.92 -8.93
C VAL A 262 -17.32 -20.60 -10.19
N ALA A 263 -18.42 -19.88 -10.02
CA ALA A 263 -19.32 -19.54 -11.11
C ALA A 263 -18.78 -18.47 -12.02
N THR A 264 -18.11 -17.45 -11.47
CA THR A 264 -17.54 -16.40 -12.28
C THR A 264 -16.16 -16.01 -11.77
N ASP A 265 -15.38 -15.42 -12.67
CA ASP A 265 -14.03 -14.95 -12.34
C ASP A 265 -13.98 -13.43 -12.17
N THR A 266 -15.14 -12.84 -11.89
CA THR A 266 -15.27 -11.40 -11.66
C THR A 266 -14.38 -10.90 -10.52
N LEU A 267 -13.80 -9.73 -10.72
CA LEU A 267 -12.97 -9.05 -9.71
C LEU A 267 -13.44 -7.62 -9.55
N ARG A 268 -12.87 -6.93 -8.58
CA ARG A 268 -13.13 -5.50 -8.40
C ARG A 268 -11.95 -4.67 -8.89
N LEU A 269 -12.27 -3.57 -9.54
CA LEU A 269 -11.27 -2.60 -9.95
C LEU A 269 -10.48 -2.14 -8.70
N PRO A 270 -9.16 -1.98 -8.81
CA PRO A 270 -8.40 -1.97 -10.09
C PRO A 270 -7.92 -3.31 -10.69
N MET A 271 -8.34 -4.45 -10.14
CA MET A 271 -8.12 -5.72 -10.82
C MET A 271 -9.02 -5.80 -12.04
N THR A 272 -8.49 -6.31 -13.15
CA THR A 272 -9.27 -6.40 -14.39
C THR A 272 -9.18 -7.83 -14.93
N PRO A 273 -10.06 -8.17 -15.86
CA PRO A 273 -10.15 -9.53 -16.39
C PRO A 273 -8.86 -10.00 -17.05
N ILE A 274 -8.62 -11.30 -16.91
CA ILE A 274 -7.46 -11.96 -17.50
C ILE A 274 -7.40 -11.75 -19.01
N THR A 275 -6.21 -11.60 -19.56
CA THR A 275 -6.09 -11.48 -21.03
C THR A 275 -6.17 -12.86 -21.67
N ASP A 276 -6.45 -12.88 -22.96
CA ASP A 276 -6.47 -14.14 -23.72
C ASP A 276 -5.14 -14.86 -23.56
N SER A 277 -4.03 -14.13 -23.65
CA SER A 277 -2.71 -14.73 -23.48
C SER A 277 -2.51 -15.33 -22.09
N GLY A 278 -2.96 -14.61 -21.07
CA GLY A 278 -2.95 -15.12 -19.72
C GLY A 278 -3.75 -16.39 -19.56
N ARG A 279 -4.93 -16.43 -20.19
CA ARG A 279 -5.77 -17.65 -20.18
C ARG A 279 -5.00 -18.87 -20.67
N GLU A 280 -4.31 -18.70 -21.79
CA GLU A 280 -3.59 -19.81 -22.40
C GLU A 280 -2.41 -20.23 -21.55
N THR A 281 -1.74 -19.26 -20.98
CA THR A 281 -0.65 -19.54 -20.07
C THR A 281 -1.09 -20.34 -18.86
N VAL A 282 -2.19 -19.91 -18.24
CA VAL A 282 -2.64 -20.56 -17.00
C VAL A 282 -3.22 -21.95 -17.30
N ARG A 283 -3.92 -22.06 -18.42
CA ARG A 283 -4.43 -23.34 -18.88
C ARG A 283 -3.29 -24.38 -19.06
N ALA A 284 -2.21 -23.99 -19.73
CA ALA A 284 -1.05 -24.84 -19.91
C ALA A 284 -0.46 -25.29 -18.59
N ALA A 285 -0.38 -24.36 -17.63
CA ALA A 285 0.07 -24.69 -16.28
C ALA A 285 -0.86 -25.68 -15.57
N LEU A 286 -2.17 -25.52 -15.74
CA LEU A 286 -3.13 -26.47 -15.17
C LEU A 286 -2.98 -27.86 -15.79
N LYS A 287 -2.77 -27.89 -17.10
CA LYS A 287 -2.58 -29.13 -17.85
C LYS A 287 -1.33 -29.86 -17.32
N HIS A 288 -0.24 -29.11 -17.20
CA HIS A 288 0.99 -29.64 -16.62
C HIS A 288 0.83 -30.25 -15.23
N ALA A 289 0.00 -29.62 -14.39
CA ALA A 289 -0.29 -30.16 -13.06
C ALA A 289 -1.28 -31.33 -13.12
N GLY A 290 -1.81 -31.63 -14.30
CA GLY A 290 -2.79 -32.71 -14.47
C GLY A 290 -4.16 -32.41 -13.89
N LEU A 291 -4.54 -31.13 -13.89
CA LEU A 291 -5.81 -30.71 -13.28
C LEU A 291 -6.86 -30.48 -14.35
N LEU A 292 -6.38 -30.33 -15.57
CA LEU A 292 -7.16 -30.17 -16.78
C LEU A 292 -6.47 -31.06 -17.79
N MET B 1 -3.76 26.21 -9.35
CA MET B 1 -2.39 26.37 -9.94
C MET B 1 -1.63 25.05 -9.83
N PHE B 2 -1.05 24.59 -10.94
CA PHE B 2 -0.36 23.30 -10.99
C PHE B 2 1.12 23.39 -11.43
N THR B 3 1.76 24.54 -11.16
CA THR B 3 3.17 24.72 -11.47
C THR B 3 3.87 25.33 -10.24
N GLY B 4 5.20 25.32 -10.28
CA GLY B 4 6.01 25.94 -9.26
C GLY B 4 6.14 25.08 -8.00
N SER B 5 6.27 25.76 -6.85
CA SER B 5 6.40 25.07 -5.58
C SER B 5 5.02 24.81 -4.98
N ILE B 6 4.63 23.53 -4.93
CA ILE B 6 3.36 23.13 -4.35
C ILE B 6 3.65 22.35 -3.06
N VAL B 7 3.07 22.78 -1.94
CA VAL B 7 3.43 22.12 -0.67
C VAL B 7 2.59 20.87 -0.40
N ALA B 8 3.28 19.78 -0.09
CA ALA B 8 2.64 18.54 0.35
C ALA B 8 2.43 18.73 1.86
N ILE B 9 1.36 19.40 2.24
CA ILE B 9 1.25 19.93 3.59
C ILE B 9 1.01 18.89 4.68
N VAL B 10 1.65 19.10 5.83
CA VAL B 10 1.38 18.26 7.01
C VAL B 10 -0.06 18.49 7.48
N THR B 11 -0.63 17.46 8.10
CA THR B 11 -1.87 17.59 8.86
C THR B 11 -1.48 17.75 10.34
N PRO B 12 -1.41 19.00 10.81
CA PRO B 12 -0.99 19.26 12.18
C PRO B 12 -2.01 18.70 13.17
N MET B 13 -1.49 18.03 14.19
CA MET B 13 -2.32 17.36 15.16
C MET B 13 -1.98 17.81 16.57
N ASP B 14 -2.98 17.71 17.42
CA ASP B 14 -2.77 17.88 18.85
C ASP B 14 -2.26 16.56 19.45
N GLU B 15 -2.07 16.54 20.77
CA GLU B 15 -1.52 15.37 21.46
C GLU B 15 -2.39 14.13 21.36
N LYS B 16 -3.67 14.32 21.04
CA LYS B 16 -4.56 13.18 20.87
C LYS B 16 -4.69 12.70 19.43
N GLY B 17 -3.95 13.33 18.52
CA GLY B 17 -3.92 12.95 17.13
C GLY B 17 -5.05 13.57 16.33
N ASN B 18 -5.72 14.58 16.91
CA ASN B 18 -6.79 15.24 16.18
C ASN B 18 -6.29 16.51 15.49
N VAL B 19 -6.85 16.82 14.32
CA VAL B 19 -6.40 17.98 13.54
C VAL B 19 -6.43 19.24 14.41
N CYS B 20 -5.33 20.00 14.34
CA CYS B 20 -5.18 21.25 15.06
C CYS B 20 -5.46 22.42 14.13
N ARG B 21 -6.65 23.01 14.27
CA ARG B 21 -7.07 24.10 13.40
C ARG B 21 -6.16 25.31 13.50
N ALA B 22 -5.77 25.66 14.71
CA ALA B 22 -4.92 26.83 14.94
C ALA B 22 -3.57 26.63 14.24
N SER B 23 -3.01 25.44 14.34
CA SER B 23 -1.72 25.16 13.70
C SER B 23 -1.85 25.16 12.18
N LEU B 24 -2.97 24.62 11.69
CA LEU B 24 -3.19 24.56 10.24
C LEU B 24 -3.34 25.96 9.66
N LYS B 25 -4.03 26.83 10.41
CA LYS B 25 -4.21 28.21 10.00
C LYS B 25 -2.85 28.92 9.85
N LYS B 26 -2.00 28.71 10.84
CA LYS B 26 -0.66 29.25 10.87
C LYS B 26 0.11 28.82 9.61
N LEU B 27 0.09 27.53 9.31
CA LEU B 27 0.73 27.00 8.10
C LEU B 27 0.19 27.59 6.82
N ILE B 28 -1.13 27.70 6.71
CA ILE B 28 -1.72 28.25 5.50
C ILE B 28 -1.33 29.72 5.35
N ASP B 29 -1.39 30.47 6.44
CA ASP B 29 -1.00 31.86 6.39
C ASP B 29 0.47 32.01 5.98
N TYR B 30 1.31 31.10 6.46
CA TYR B 30 2.73 31.06 6.09
C TYR B 30 2.91 30.83 4.58
N HIS B 31 2.15 29.88 4.02
CA HIS B 31 2.24 29.58 2.60
C HIS B 31 1.73 30.72 1.71
N VAL B 32 0.64 31.36 2.14
CA VAL B 32 0.15 32.56 1.44
C VAL B 32 1.24 33.68 1.38
N ALA B 33 1.86 33.94 2.54
CA ALA B 33 2.87 35.00 2.67
C ALA B 33 4.20 34.65 2.00
N SER B 34 4.49 33.36 1.83
CA SER B 34 5.80 32.91 1.35
C SER B 34 5.84 32.49 -0.13
N GLY B 35 4.74 32.68 -0.85
CA GLY B 35 4.73 32.52 -2.29
C GLY B 35 4.52 31.12 -2.85
N THR B 36 4.08 30.19 -2.00
CA THR B 36 3.74 28.84 -2.44
C THR B 36 2.62 28.91 -3.49
N SER B 37 2.71 28.08 -4.52
CA SER B 37 1.76 28.10 -5.63
C SER B 37 0.40 27.49 -5.27
N ALA B 38 0.45 26.44 -4.47
CA ALA B 38 -0.75 25.72 -4.07
C ALA B 38 -0.42 24.75 -2.92
N ILE B 39 -1.49 24.25 -2.31
CA ILE B 39 -1.43 23.32 -1.20
C ILE B 39 -2.09 22.01 -1.60
N VAL B 40 -1.33 20.92 -1.49
CA VAL B 40 -1.90 19.58 -1.51
C VAL B 40 -2.37 19.22 -0.11
N SER B 41 -3.68 19.01 0.02
CA SER B 41 -4.30 18.72 1.29
C SER B 41 -4.60 17.23 1.45
N VAL B 42 -4.09 16.65 2.53
CA VAL B 42 -4.24 15.22 2.84
C VAL B 42 -3.65 14.36 1.72
N GLY B 43 -2.42 14.68 1.35
CA GLY B 43 -1.61 13.80 0.53
C GLY B 43 -0.81 12.89 1.42
N THR B 44 0.24 12.33 0.86
CA THR B 44 1.10 11.40 1.57
C THR B 44 1.68 11.99 2.85
N THR B 45 2.15 13.24 2.76
CA THR B 45 2.73 13.97 3.90
C THR B 45 1.65 14.40 4.91
N GLY B 46 0.40 14.48 4.45
CA GLY B 46 -0.77 14.77 5.28
C GLY B 46 -1.40 13.60 6.02
N GLU B 47 -0.72 12.46 6.04
CA GLU B 47 -1.15 11.24 6.73
C GLU B 47 -2.51 10.74 6.27
N SER B 48 -2.69 10.79 4.94
CA SER B 48 -3.93 10.29 4.32
C SER B 48 -4.32 8.89 4.83
N ALA B 49 -3.33 8.00 4.94
CA ALA B 49 -3.59 6.62 5.37
C ALA B 49 -4.35 6.47 6.70
N THR B 50 -3.99 7.30 7.67
CA THR B 50 -4.48 7.16 9.05
C THR B 50 -5.62 8.12 9.40
N LEU B 51 -6.12 8.86 8.41
CA LEU B 51 -7.34 9.63 8.60
C LEU B 51 -8.46 8.83 7.98
N ASN B 52 -9.58 8.67 8.69
CA ASN B 52 -10.71 8.00 8.07
C ASN B 52 -11.34 8.92 7.03
N HIS B 53 -12.26 8.38 6.25
CA HIS B 53 -12.81 9.12 5.12
C HIS B 53 -13.42 10.45 5.57
N ASP B 54 -14.15 10.41 6.66
CA ASP B 54 -14.75 11.62 7.20
C ASP B 54 -13.73 12.67 7.69
N GLU B 55 -12.72 12.20 8.42
CA GLU B 55 -11.65 13.08 8.89
C GLU B 55 -10.88 13.70 7.72
N HIS B 56 -10.63 12.86 6.73
CA HIS B 56 -9.98 13.27 5.48
C HIS B 56 -10.74 14.44 4.85
N ALA B 57 -12.03 14.26 4.64
CA ALA B 57 -12.85 15.32 4.08
C ALA B 57 -12.83 16.58 4.95
N ASP B 58 -12.88 16.40 6.26
CA ASP B 58 -12.88 17.50 7.20
C ASP B 58 -11.64 18.38 7.07
N VAL B 59 -10.47 17.73 6.91
CA VAL B 59 -9.23 18.46 6.80
C VAL B 59 -9.19 19.23 5.50
N VAL B 60 -9.64 18.60 4.41
CA VAL B 60 -9.69 19.30 3.12
C VAL B 60 -10.58 20.53 3.23
N MET B 61 -11.77 20.38 3.84
CA MET B 61 -12.72 21.49 3.95
C MET B 61 -12.22 22.59 4.88
N MET B 62 -11.55 22.20 5.95
CA MET B 62 -10.95 23.16 6.86
C MET B 62 -9.84 23.94 6.15
N THR B 63 -9.07 23.24 5.32
CA THR B 63 -7.96 23.85 4.60
C THR B 63 -8.50 24.87 3.60
N LEU B 64 -9.54 24.51 2.85
CA LEU B 64 -10.23 25.48 1.99
C LEU B 64 -10.76 26.71 2.72
N ASP B 65 -11.50 26.45 3.79
CA ASP B 65 -12.05 27.50 4.63
C ASP B 65 -10.96 28.49 5.07
N LEU B 66 -9.91 27.96 5.70
CA LEU B 66 -8.77 28.77 6.15
C LEU B 66 -8.02 29.46 5.00
N ALA B 67 -7.86 28.77 3.87
CA ALA B 67 -7.19 29.39 2.72
C ALA B 67 -7.97 30.63 2.26
N ASP B 68 -9.29 30.56 2.39
CA ASP B 68 -10.17 31.68 2.15
C ASP B 68 -9.94 32.34 0.79
N GLY B 69 -9.64 31.50 -0.20
CA GLY B 69 -9.46 31.97 -1.56
C GLY B 69 -8.09 32.52 -1.90
N ARG B 70 -7.17 32.54 -0.93
CA ARG B 70 -5.90 33.21 -1.12
C ARG B 70 -4.83 32.33 -1.77
N ILE B 71 -5.04 31.02 -1.74
CA ILE B 71 -4.11 30.06 -2.30
C ILE B 71 -4.94 28.85 -2.76
N PRO B 72 -4.68 28.32 -3.95
CA PRO B 72 -5.37 27.14 -4.43
C PRO B 72 -5.06 25.89 -3.59
N VAL B 73 -6.08 25.07 -3.41
CA VAL B 73 -5.99 23.83 -2.65
C VAL B 73 -6.26 22.67 -3.59
N ILE B 74 -5.34 21.69 -3.59
CA ILE B 74 -5.53 20.43 -4.31
C ILE B 74 -5.78 19.34 -3.29
N ALA B 75 -6.84 18.55 -3.48
CA ALA B 75 -7.15 17.47 -2.53
C ALA B 75 -6.50 16.15 -2.91
N GLY B 76 -5.85 15.52 -1.94
CA GLY B 76 -5.49 14.12 -2.02
C GLY B 76 -6.76 13.27 -2.07
N THR B 77 -6.91 12.49 -3.15
CA THR B 77 -8.10 11.65 -3.34
C THR B 77 -7.75 10.20 -3.70
N GLY B 78 -6.47 9.83 -3.60
CA GLY B 78 -6.05 8.50 -4.02
C GLY B 78 -6.63 7.38 -3.17
N ALA B 79 -6.84 6.24 -3.79
CA ALA B 79 -7.26 5.01 -3.06
C ALA B 79 -6.83 3.81 -3.85
N ASN B 80 -6.67 2.68 -3.16
CA ASN B 80 -6.30 1.42 -3.84
C ASN B 80 -7.52 0.62 -4.31
N ALA B 81 -8.70 1.14 -3.98
CA ALA B 81 -9.97 0.62 -4.49
C ALA B 81 -10.61 1.72 -5.31
N THR B 82 -10.93 1.41 -6.55
CA THR B 82 -11.49 2.41 -7.45
C THR B 82 -12.79 3.06 -6.89
N ALA B 83 -13.68 2.26 -6.28
CA ALA B 83 -14.87 2.77 -5.60
C ALA B 83 -14.56 3.83 -4.52
N GLU B 84 -13.53 3.59 -3.70
CA GLU B 84 -13.14 4.53 -2.68
C GLU B 84 -12.64 5.84 -3.28
N ALA B 85 -11.81 5.74 -4.31
CA ALA B 85 -11.33 6.91 -5.04
C ALA B 85 -12.47 7.76 -5.60
N ILE B 86 -13.43 7.10 -6.24
CA ILE B 86 -14.58 7.79 -6.80
C ILE B 86 -15.38 8.47 -5.71
N SER B 87 -15.63 7.74 -4.64
CA SER B 87 -16.40 8.29 -3.52
C SER B 87 -15.77 9.52 -2.89
N LEU B 88 -14.47 9.43 -2.57
CA LEU B 88 -13.69 10.58 -2.12
C LEU B 88 -13.80 11.78 -3.07
N THR B 89 -13.65 11.51 -4.35
CA THR B 89 -13.75 12.56 -5.36
C THR B 89 -15.13 13.22 -5.33
N GLN B 90 -16.19 12.42 -5.16
CA GLN B 90 -17.55 12.98 -5.15
C GLN B 90 -17.75 13.92 -3.97
N ARG B 91 -17.13 13.61 -2.83
CA ARG B 91 -17.19 14.49 -1.65
C ARG B 91 -16.64 15.87 -1.94
N PHE B 92 -15.70 15.97 -2.88
CA PHE B 92 -15.00 17.23 -3.09
C PHE B 92 -15.43 17.97 -4.33
N ASN B 93 -16.26 17.36 -5.18
CA ASN B 93 -16.84 18.04 -6.31
C ASN B 93 -17.56 19.31 -5.82
N ASP B 94 -17.32 20.44 -6.48
CA ASP B 94 -17.95 21.69 -6.09
C ASP B 94 -17.56 22.17 -4.69
N SER B 95 -16.44 21.67 -4.14
CA SER B 95 -16.00 22.08 -2.79
C SER B 95 -15.25 23.41 -2.78
N GLY B 96 -14.69 23.79 -3.93
CA GLY B 96 -13.72 24.89 -4.03
C GLY B 96 -12.28 24.46 -4.31
N ILE B 97 -11.97 23.18 -4.17
CA ILE B 97 -10.64 22.70 -4.57
C ILE B 97 -10.45 22.92 -6.08
N VAL B 98 -9.21 23.08 -6.51
CA VAL B 98 -8.92 23.32 -7.93
C VAL B 98 -8.57 22.04 -8.68
N GLY B 99 -8.36 20.96 -7.95
CA GLY B 99 -7.91 19.71 -8.57
C GLY B 99 -7.69 18.63 -7.51
N CYS B 100 -7.39 17.43 -8.01
CA CYS B 100 -7.16 16.25 -7.18
C CYS B 100 -5.84 15.60 -7.54
N LEU B 101 -5.16 15.10 -6.50
CA LEU B 101 -3.92 14.34 -6.63
C LEU B 101 -4.24 12.90 -6.27
N THR B 102 -4.08 12.01 -7.23
CA THR B 102 -4.57 10.64 -7.07
C THR B 102 -3.47 9.59 -7.40
N VAL B 103 -3.09 8.86 -6.36
CA VAL B 103 -2.00 7.92 -6.42
C VAL B 103 -2.38 6.57 -7.04
N THR B 104 -1.43 5.94 -7.72
CA THR B 104 -1.66 4.56 -8.20
C THR B 104 -2.07 3.70 -7.00
N PRO B 105 -3.07 2.84 -7.17
CA PRO B 105 -3.37 1.83 -6.16
C PRO B 105 -2.11 1.13 -5.60
N TYR B 106 -2.06 1.08 -4.27
CA TYR B 106 -1.01 0.47 -3.45
C TYR B 106 -1.44 -0.88 -2.90
N TYR B 107 -0.47 -1.75 -2.72
CA TYR B 107 -0.64 -3.08 -2.11
C TYR B 107 -1.15 -4.16 -3.08
N ASN B 108 -2.22 -3.87 -3.81
CA ASN B 108 -2.82 -4.85 -4.72
C ASN B 108 -2.15 -5.01 -6.10
N ARG B 109 -1.20 -4.13 -6.43
CA ARG B 109 -0.34 -4.27 -7.61
C ARG B 109 -1.09 -4.55 -8.93
N PRO B 110 -1.95 -3.61 -9.32
CA PRO B 110 -2.67 -3.73 -10.59
C PRO B 110 -1.75 -3.65 -11.82
N SER B 111 -2.22 -4.20 -12.93
CA SER B 111 -1.55 -4.09 -14.21
C SER B 111 -1.67 -2.66 -14.71
N GLN B 112 -0.94 -2.38 -15.80
CA GLN B 112 -1.03 -1.10 -16.49
C GLN B 112 -2.46 -0.87 -17.01
N GLU B 113 -3.09 -1.92 -17.50
CA GLU B 113 -4.49 -1.85 -17.92
C GLU B 113 -5.42 -1.54 -16.74
N GLY B 114 -5.14 -2.15 -15.59
CA GLY B 114 -5.87 -1.79 -14.34
C GLY B 114 -5.73 -0.34 -13.93
N LEU B 115 -4.51 0.19 -14.00
CA LEU B 115 -4.24 1.58 -13.73
C LEU B 115 -5.04 2.47 -14.68
N TYR B 116 -5.06 2.07 -15.95
CA TYR B 116 -5.74 2.81 -16.97
C TYR B 116 -7.23 2.88 -16.60
N GLN B 117 -7.81 1.73 -16.27
CA GLN B 117 -9.25 1.67 -16.02
C GLN B 117 -9.61 2.39 -14.72
N HIS B 118 -8.75 2.27 -13.72
CA HIS B 118 -8.88 2.98 -12.42
C HIS B 118 -8.97 4.48 -12.62
N PHE B 119 -7.97 5.04 -13.29
CA PHE B 119 -7.90 6.49 -13.40
C PHE B 119 -8.94 7.06 -14.39
N LYS B 120 -9.24 6.30 -15.44
CA LYS B 120 -10.26 6.68 -16.39
C LYS B 120 -11.62 6.76 -15.70
N ALA B 121 -11.93 5.75 -14.89
CA ALA B 121 -13.18 5.72 -14.14
C ALA B 121 -13.28 6.88 -13.16
N ILE B 122 -12.21 7.18 -12.43
CA ILE B 122 -12.19 8.34 -11.53
C ILE B 122 -12.44 9.65 -12.29
N ALA B 123 -11.74 9.84 -13.39
CA ALA B 123 -11.80 11.09 -14.15
C ALA B 123 -13.18 11.34 -14.76
N GLU B 124 -13.85 10.25 -15.10
CA GLU B 124 -15.17 10.27 -15.71
C GLU B 124 -16.23 10.94 -14.86
N HIS B 125 -16.17 10.77 -13.55
CA HIS B 125 -17.26 11.20 -12.70
C HIS B 125 -16.93 12.45 -11.89
N THR B 126 -16.18 13.34 -12.54
CA THR B 126 -15.85 14.65 -12.01
C THR B 126 -15.43 15.58 -13.16
N ASP B 127 -15.59 16.87 -12.95
CA ASP B 127 -15.03 17.87 -13.84
C ASP B 127 -13.66 18.37 -13.35
N LEU B 128 -13.28 17.99 -12.13
CA LEU B 128 -12.02 18.45 -11.54
C LEU B 128 -10.81 17.90 -12.28
N PRO B 129 -9.80 18.75 -12.50
CA PRO B 129 -8.50 18.31 -12.93
C PRO B 129 -7.91 17.24 -12.00
N GLN B 130 -7.35 16.22 -12.63
CA GLN B 130 -6.69 15.09 -11.99
C GLN B 130 -5.21 15.10 -12.30
N ILE B 131 -4.43 15.06 -11.22
CA ILE B 131 -2.99 14.82 -11.27
C ILE B 131 -2.71 13.41 -10.81
N LEU B 132 -2.18 12.63 -11.74
CA LEU B 132 -1.76 11.26 -11.47
C LEU B 132 -0.56 11.30 -10.53
N TYR B 133 -0.34 10.19 -9.82
CA TYR B 133 0.72 10.17 -8.81
C TYR B 133 1.38 8.78 -8.80
N ASN B 134 2.66 8.77 -9.19
CA ASN B 134 3.47 7.55 -9.26
C ASN B 134 4.59 7.54 -8.24
N VAL B 135 4.60 6.52 -7.39
CA VAL B 135 5.57 6.38 -6.28
C VAL B 135 5.76 4.89 -5.88
N PRO B 136 6.40 4.15 -6.78
CA PRO B 136 6.54 2.70 -6.68
C PRO B 136 7.12 2.23 -5.33
N SER B 137 7.98 3.05 -4.73
CA SER B 137 8.61 2.68 -3.45
C SER B 137 7.59 2.54 -2.34
N ARG B 138 6.47 3.24 -2.46
CA ARG B 138 5.38 3.14 -1.50
C ARG B 138 4.26 2.15 -1.89
N THR B 139 4.05 1.96 -3.18
CA THR B 139 2.84 1.31 -3.67
C THR B 139 3.03 -0.13 -4.15
N GLY B 140 4.23 -0.47 -4.59
CA GLY B 140 4.49 -1.75 -5.25
C GLY B 140 4.08 -1.79 -6.73
N CYS B 141 3.83 -0.62 -7.29
CA CYS B 141 3.24 -0.48 -8.59
C CYS B 141 3.91 0.69 -9.32
N ASP B 142 4.22 0.51 -10.59
CA ASP B 142 4.91 1.55 -11.37
C ASP B 142 4.09 1.92 -12.60
N LEU B 143 3.49 3.11 -12.55
CA LEU B 143 2.78 3.67 -13.71
C LEU B 143 3.76 4.16 -14.81
N LEU B 144 3.86 3.41 -15.90
CA LEU B 144 4.87 3.65 -16.94
C LEU B 144 4.44 4.73 -17.92
N PRO B 145 5.42 5.39 -18.54
CA PRO B 145 5.12 6.50 -19.45
C PRO B 145 4.08 6.17 -20.51
N GLU B 146 4.15 4.97 -21.07
CA GLU B 146 3.17 4.52 -22.07
C GLU B 146 1.73 4.70 -21.55
N THR B 147 1.51 4.31 -20.31
CA THR B 147 0.19 4.37 -19.72
C THR B 147 -0.19 5.79 -19.34
N VAL B 148 0.81 6.58 -18.93
CA VAL B 148 0.58 8.00 -18.68
C VAL B 148 0.11 8.65 -19.98
N GLY B 149 0.75 8.29 -21.09
CA GLY B 149 0.36 8.78 -22.42
C GLY B 149 -1.09 8.50 -22.78
N ARG B 150 -1.52 7.27 -22.53
CA ARG B 150 -2.90 6.86 -22.74
C ARG B 150 -3.86 7.70 -21.90
N LEU B 151 -3.55 7.80 -20.61
CA LEU B 151 -4.38 8.55 -19.68
C LEU B 151 -4.48 10.06 -19.97
N ALA B 152 -3.39 10.61 -20.49
CA ALA B 152 -3.30 12.03 -20.77
C ALA B 152 -4.32 12.45 -21.86
N LYS B 153 -4.82 11.49 -22.64
CA LYS B 153 -5.81 11.78 -23.65
C LYS B 153 -7.18 12.02 -23.04
N VAL B 154 -7.37 11.60 -21.78
CA VAL B 154 -8.60 11.89 -21.05
C VAL B 154 -8.55 13.36 -20.68
N LYS B 155 -9.65 14.05 -20.98
CA LYS B 155 -9.70 15.51 -20.91
C LYS B 155 -9.16 16.11 -19.61
N ASN B 156 -9.70 15.64 -18.50
CA ASN B 156 -9.36 16.21 -17.19
C ASN B 156 -8.21 15.51 -16.47
N ILE B 157 -7.49 14.63 -17.16
CA ILE B 157 -6.25 14.13 -16.59
C ILE B 157 -5.16 15.04 -17.16
N ILE B 158 -4.59 15.89 -16.30
CA ILE B 158 -3.80 17.05 -16.77
C ILE B 158 -2.35 17.10 -16.32
N GLY B 159 -1.93 16.14 -15.51
CA GLY B 159 -0.56 16.13 -15.06
C GLY B 159 -0.21 14.90 -14.24
N ILE B 160 1.06 14.85 -13.86
CA ILE B 160 1.58 13.79 -13.01
C ILE B 160 2.59 14.30 -11.99
N LYS B 161 2.45 13.77 -10.76
CA LYS B 161 3.47 13.82 -9.73
C LYS B 161 4.30 12.55 -9.86
N GLU B 162 5.51 12.72 -10.37
CA GLU B 162 6.40 11.62 -10.67
C GLU B 162 7.44 11.57 -9.53
N ALA B 163 7.27 10.60 -8.64
CA ALA B 163 8.08 10.53 -7.45
C ALA B 163 9.13 9.42 -7.48
N THR B 164 9.45 8.87 -8.65
CA THR B 164 10.44 7.80 -8.74
C THR B 164 11.85 8.29 -8.41
N GLY B 165 12.14 9.55 -8.67
CA GLY B 165 13.49 10.01 -8.73
C GLY B 165 14.28 9.49 -9.93
N ASN B 166 13.61 8.83 -10.88
CA ASN B 166 14.20 8.39 -12.14
C ASN B 166 13.94 9.48 -13.17
N LEU B 167 14.98 10.26 -13.44
CA LEU B 167 14.86 11.47 -14.23
C LEU B 167 14.63 11.22 -15.74
N THR B 168 14.93 10.03 -16.23
CA THR B 168 14.58 9.66 -17.61
C THR B 168 13.08 9.73 -17.87
N ARG B 169 12.27 9.60 -16.83
CA ARG B 169 10.80 9.65 -16.98
C ARG B 169 10.29 10.99 -17.51
N VAL B 170 11.00 12.07 -17.19
CA VAL B 170 10.56 13.42 -17.58
C VAL B 170 10.26 13.45 -19.08
N ASN B 171 11.27 13.16 -19.88
CA ASN B 171 11.12 13.31 -21.33
C ASN B 171 10.48 12.08 -21.98
N GLN B 172 10.54 10.92 -21.33
CA GLN B 172 9.77 9.77 -21.79
C GLN B 172 8.26 10.10 -21.77
N ILE B 173 7.82 10.75 -20.70
CA ILE B 173 6.43 11.17 -20.60
C ILE B 173 6.13 12.37 -21.51
N LYS B 174 6.98 13.39 -21.46
CA LYS B 174 6.78 14.61 -22.23
C LYS B 174 6.55 14.32 -23.72
N GLU B 175 7.30 13.36 -24.25
CA GLU B 175 7.19 13.00 -25.66
C GLU B 175 5.82 12.44 -26.00
N LEU B 176 5.09 11.92 -25.02
CA LEU B 176 3.85 11.17 -25.25
C LEU B 176 2.60 11.93 -24.92
N VAL B 177 2.76 13.14 -24.39
CA VAL B 177 1.63 13.94 -23.94
C VAL B 177 1.74 15.31 -24.57
N SER B 178 0.66 16.06 -24.46
CA SER B 178 0.60 17.39 -25.02
C SER B 178 1.43 18.37 -24.19
N ASP B 179 1.71 19.51 -24.80
CA ASP B 179 2.49 20.58 -24.18
C ASP B 179 1.87 21.11 -22.91
N ASP B 180 0.55 20.93 -22.77
CA ASP B 180 -0.21 21.44 -21.65
C ASP B 180 -0.13 20.54 -20.41
N PHE B 181 0.29 19.30 -20.58
CA PHE B 181 0.27 18.34 -19.51
C PHE B 181 1.39 18.69 -18.53
N VAL B 182 1.08 18.73 -17.24
CA VAL B 182 2.05 19.17 -16.25
C VAL B 182 2.84 18.00 -15.65
N LEU B 183 4.14 18.20 -15.56
CA LEU B 183 5.05 17.23 -15.02
C LEU B 183 5.60 17.82 -13.75
N LEU B 184 5.28 17.19 -12.62
CA LEU B 184 5.67 17.69 -11.30
C LEU B 184 6.51 16.65 -10.59
N SER B 185 7.61 17.10 -10.00
CA SER B 185 8.44 16.21 -9.22
C SER B 185 7.78 15.85 -7.92
N GLY B 186 7.94 14.59 -7.51
CA GLY B 186 7.55 14.14 -6.20
C GLY B 186 8.72 13.65 -5.39
N ASP B 187 9.92 14.12 -5.72
CA ASP B 187 11.17 13.75 -5.04
C ASP B 187 12.03 14.98 -4.83
N ASP B 188 11.98 15.56 -3.63
CA ASP B 188 12.61 16.84 -3.37
C ASP B 188 14.09 16.88 -3.80
N ALA B 189 14.82 15.81 -3.51
CA ALA B 189 16.27 15.79 -3.76
C ALA B 189 16.64 15.85 -5.27
N SER B 190 15.78 15.36 -6.15
CA SER B 190 16.04 15.42 -7.61
C SER B 190 15.13 16.42 -8.33
N ALA B 191 14.39 17.23 -7.58
CA ALA B 191 13.34 18.05 -8.16
C ALA B 191 13.87 19.16 -9.10
N LEU B 192 15.00 19.77 -8.75
CA LEU B 192 15.58 20.80 -9.61
C LEU B 192 16.09 20.21 -10.92
N ASP B 193 16.77 19.07 -10.82
CA ASP B 193 17.13 18.29 -12.03
C ASP B 193 15.91 18.00 -12.87
N PHE B 194 14.86 17.54 -12.21
CA PHE B 194 13.59 17.24 -12.86
C PHE B 194 13.05 18.45 -13.66
N MET B 195 13.05 19.61 -13.03
CA MET B 195 12.63 20.84 -13.70
C MET B 195 13.57 21.25 -14.82
N GLN B 196 14.88 21.07 -14.63
CA GLN B 196 15.84 21.43 -15.67
C GLN B 196 15.61 20.56 -16.92
N LEU B 197 15.13 19.33 -16.73
CA LEU B 197 14.82 18.46 -17.86
C LEU B 197 13.51 18.76 -18.58
N GLY B 198 12.69 19.64 -18.02
CA GLY B 198 11.37 19.95 -18.61
C GLY B 198 10.21 20.02 -17.64
N GLY B 199 10.40 19.54 -16.41
CA GLY B 199 9.36 19.60 -15.41
C GLY B 199 8.90 21.02 -15.06
N HIS B 200 7.68 21.10 -14.55
CA HIS B 200 6.97 22.38 -14.40
C HIS B 200 6.88 22.84 -12.95
N GLY B 201 7.38 22.02 -12.05
CA GLY B 201 7.29 22.30 -10.63
C GLY B 201 7.51 21.05 -9.80
N VAL B 202 7.09 21.15 -8.54
CA VAL B 202 7.37 20.10 -7.55
C VAL B 202 6.29 20.11 -6.50
N ILE B 203 5.83 18.92 -6.13
CA ILE B 203 4.98 18.76 -4.98
C ILE B 203 5.91 18.33 -3.86
N SER B 204 6.15 19.27 -2.94
CA SER B 204 7.34 19.25 -2.10
C SER B 204 7.04 19.05 -0.62
N VAL B 205 7.87 18.21 0.01
CA VAL B 205 7.88 18.06 1.46
C VAL B 205 8.68 19.21 2.10
N THR B 206 9.86 19.49 1.55
CA THR B 206 10.72 20.58 1.97
C THR B 206 10.02 21.94 2.03
N ALA B 207 9.15 22.21 1.06
CA ALA B 207 8.36 23.43 1.07
C ALA B 207 7.57 23.69 2.35
N ASN B 208 7.36 22.66 3.19
CA ASN B 208 6.65 22.85 4.49
C ASN B 208 7.42 23.82 5.38
N VAL B 209 8.75 23.79 5.29
CA VAL B 209 9.61 24.59 6.17
C VAL B 209 10.54 25.56 5.45
N ALA B 210 10.62 25.46 4.13
CA ALA B 210 11.45 26.37 3.36
C ALA B 210 10.63 26.95 2.22
N ALA B 211 9.45 27.47 2.54
CA ALA B 211 8.48 27.81 1.48
C ALA B 211 9.03 28.89 0.51
N ARG B 212 9.63 29.94 1.07
CA ARG B 212 10.12 31.06 0.24
C ARG B 212 11.26 30.64 -0.69
N ASP B 213 12.24 29.92 -0.14
CA ASP B 213 13.37 29.45 -0.94
C ASP B 213 12.89 28.49 -2.05
N MET B 214 11.94 27.64 -1.71
CA MET B 214 11.38 26.72 -2.70
C MET B 214 10.66 27.50 -3.80
N ALA B 215 9.89 28.51 -3.42
CA ALA B 215 9.15 29.31 -4.38
C ALA B 215 10.11 29.99 -5.37
N GLN B 216 11.16 30.62 -4.82
CA GLN B 216 12.14 31.28 -5.65
C GLN B 216 12.91 30.29 -6.53
N MET B 217 13.30 29.16 -5.96
CA MET B 217 14.06 28.17 -6.72
C MET B 217 13.25 27.74 -7.95
N CYS B 218 11.98 27.42 -7.73
CA CYS B 218 11.13 26.94 -8.82
C CYS B 218 10.88 28.04 -9.85
N LYS B 219 10.79 29.30 -9.43
CA LYS B 219 10.64 30.40 -10.40
C LYS B 219 11.90 30.58 -11.24
N LEU B 220 13.06 30.55 -10.60
CA LEU B 220 14.32 30.64 -11.32
C LEU B 220 14.43 29.51 -12.34
N ALA B 221 14.03 28.31 -11.93
CA ALA B 221 14.06 27.15 -12.83
C ALA B 221 13.13 27.33 -14.03
N ALA B 222 11.90 27.77 -13.76
CA ALA B 222 10.94 28.03 -14.83
C ALA B 222 11.47 29.07 -15.82
N GLU B 223 12.26 30.02 -15.32
CA GLU B 223 12.88 31.04 -16.16
C GLU B 223 14.18 30.59 -16.81
N GLY B 224 14.67 29.39 -16.50
CA GLY B 224 15.89 28.85 -17.10
C GLY B 224 17.18 29.23 -16.41
N HIS B 225 17.04 29.83 -15.23
CA HIS B 225 18.17 30.30 -14.45
C HIS B 225 18.58 29.19 -13.49
N PHE B 226 19.08 28.11 -14.11
CA PHE B 226 19.38 26.87 -13.38
C PHE B 226 20.54 26.96 -12.42
N ALA B 227 21.62 27.67 -12.81
CA ALA B 227 22.76 27.86 -11.90
C ALA B 227 22.33 28.63 -10.64
N GLU B 228 21.49 29.64 -10.83
CA GLU B 228 20.97 30.42 -9.71
C GLU B 228 20.08 29.57 -8.80
N ALA B 229 19.17 28.80 -9.40
CA ALA B 229 18.30 27.90 -8.64
C ALA B 229 19.10 26.86 -7.88
N ARG B 230 20.17 26.37 -8.52
CA ARG B 230 21.03 25.37 -7.90
C ARG B 230 21.75 25.87 -6.64
N VAL B 231 22.08 27.15 -6.57
CA VAL B 231 22.66 27.66 -5.32
C VAL B 231 21.66 27.47 -4.17
N ILE B 232 20.40 27.80 -4.39
CA ILE B 232 19.38 27.63 -3.37
C ILE B 232 19.23 26.15 -3.09
N ASN B 233 19.15 25.36 -4.15
CA ASN B 233 18.98 23.91 -3.99
C ASN B 233 20.09 23.29 -3.12
N GLN B 234 21.32 23.75 -3.29
CA GLN B 234 22.44 23.20 -2.52
C GLN B 234 22.33 23.50 -1.00
N ARG B 235 21.80 24.65 -0.64
CA ARG B 235 21.53 24.94 0.76
C ARG B 235 20.40 24.08 1.33
N LEU B 236 19.46 23.72 0.46
CA LEU B 236 18.32 22.90 0.84
C LEU B 236 18.57 21.38 0.80
N MET B 237 19.66 20.95 0.16
CA MET B 237 19.86 19.50 -0.11
C MET B 237 19.91 18.62 1.15
N PRO B 238 20.60 19.05 2.21
CA PRO B 238 20.52 18.32 3.48
C PRO B 238 19.08 18.07 3.95
N LEU B 239 18.23 19.09 3.87
CA LEU B 239 16.83 18.96 4.20
C LEU B 239 16.10 18.04 3.22
N HIS B 240 16.36 18.19 1.91
CA HIS B 240 15.73 17.31 0.94
C HIS B 240 15.95 15.83 1.31
N ASN B 241 17.16 15.51 1.75
CA ASN B 241 17.52 14.15 2.17
C ASN B 241 17.06 13.79 3.60
N LYS B 242 17.39 14.66 4.54
CA LYS B 242 17.20 14.33 5.95
C LYS B 242 15.76 14.44 6.42
N LEU B 243 14.89 15.10 5.64
CA LEU B 243 13.46 15.01 5.93
C LEU B 243 12.93 13.60 5.70
N PHE B 244 13.76 12.69 5.18
CA PHE B 244 13.41 11.26 5.11
C PHE B 244 14.33 10.37 5.92
N VAL B 245 15.04 10.94 6.88
CA VAL B 245 15.90 10.15 7.78
C VAL B 245 15.08 9.13 8.59
N GLU B 246 13.87 9.53 8.98
CA GLU B 246 12.87 8.64 9.52
C GLU B 246 11.62 8.83 8.66
N PRO B 247 10.66 7.92 8.74
CA PRO B 247 9.53 7.96 7.78
C PRO B 247 8.76 9.29 7.71
N ASN B 248 8.62 9.81 6.51
CA ASN B 248 7.84 11.02 6.28
C ASN B 248 6.40 10.77 6.76
N PRO B 249 5.74 11.66 7.49
CA PRO B 249 6.18 13.02 7.86
C PRO B 249 6.80 13.21 9.27
N ILE B 250 7.43 12.20 9.82
CA ILE B 250 7.97 12.34 11.16
C ILE B 250 8.98 13.51 11.25
N PRO B 251 10.04 13.51 10.42
CA PRO B 251 11.02 14.61 10.46
C PRO B 251 10.42 15.97 10.18
N VAL B 252 9.56 16.07 9.18
CA VAL B 252 9.04 17.39 8.79
C VAL B 252 8.07 17.96 9.82
N LYS B 253 7.26 17.12 10.45
CA LYS B 253 6.40 17.62 11.55
C LYS B 253 7.26 18.13 12.72
N TRP B 254 8.33 17.41 13.04
CA TRP B 254 9.22 17.86 14.10
C TRP B 254 9.81 19.24 13.74
N ALA B 255 10.29 19.36 12.50
CA ALA B 255 10.85 20.61 11.99
C ALA B 255 9.86 21.78 12.09
N CYS B 256 8.62 21.52 11.69
CA CYS B 256 7.55 22.53 11.79
C CYS B 256 7.38 22.98 13.24
N LYS B 257 7.39 22.01 14.16
CA LYS B 257 7.30 22.30 15.59
C LYS B 257 8.48 23.16 16.04
N GLU B 258 9.67 22.75 15.63
CA GLU B 258 10.89 23.45 16.01
C GLU B 258 10.88 24.92 15.53
N LEU B 259 10.33 25.19 14.36
CA LEU B 259 10.28 26.56 13.83
C LEU B 259 9.15 27.39 14.42
N GLY B 260 8.24 26.72 15.14
CA GLY B 260 7.06 27.38 15.72
C GLY B 260 5.86 27.40 14.80
N LEU B 261 5.90 26.65 13.71
CA LEU B 261 4.83 26.65 12.73
C LEU B 261 3.61 25.83 13.18
N VAL B 262 3.84 24.83 14.02
CA VAL B 262 2.77 24.00 14.57
C VAL B 262 3.00 23.80 16.07
N ALA B 263 1.93 23.54 16.80
CA ALA B 263 1.98 23.40 18.26
C ALA B 263 2.60 22.09 18.73
N THR B 264 2.28 20.97 18.08
CA THR B 264 2.86 19.66 18.46
C THR B 264 3.27 18.88 17.21
N ASP B 265 4.23 17.97 17.38
CA ASP B 265 4.70 17.16 16.28
C ASP B 265 4.05 15.78 16.27
N THR B 266 2.90 15.65 16.95
CA THR B 266 2.18 14.36 17.08
C THR B 266 1.75 13.80 15.74
N LEU B 267 1.89 12.47 15.62
CA LEU B 267 1.42 11.69 14.47
C LEU B 267 0.46 10.59 14.95
N ARG B 268 -0.10 9.86 13.98
CA ARG B 268 -0.87 8.65 14.24
C ARG B 268 -0.12 7.41 13.86
N LEU B 269 -0.24 6.40 14.72
CA LEU B 269 0.30 5.08 14.46
C LEU B 269 -0.18 4.54 13.11
N PRO B 270 0.70 3.90 12.35
CA PRO B 270 2.03 3.42 12.79
C PRO B 270 3.24 4.37 12.69
N MET B 271 3.02 5.65 12.45
CA MET B 271 4.10 6.64 12.64
C MET B 271 4.38 6.75 14.13
N THR B 272 5.66 6.88 14.50
CA THR B 272 6.04 7.08 15.90
C THR B 272 6.96 8.29 16.05
N PRO B 273 7.12 8.80 17.28
CA PRO B 273 7.92 10.00 17.49
C PRO B 273 9.34 9.91 16.95
N ILE B 274 9.88 11.06 16.56
CA ILE B 274 11.24 11.13 16.06
C ILE B 274 12.22 10.69 17.14
N THR B 275 13.26 9.97 16.74
CA THR B 275 14.33 9.65 17.68
C THR B 275 15.23 10.88 17.94
N ASP B 276 16.05 10.79 18.98
CA ASP B 276 16.96 11.87 19.33
C ASP B 276 17.98 12.07 18.24
N SER B 277 18.50 10.96 17.71
CA SER B 277 19.44 11.05 16.62
C SER B 277 18.80 11.74 15.42
N GLY B 278 17.53 11.44 15.17
CA GLY B 278 16.78 12.11 14.11
C GLY B 278 16.62 13.60 14.33
N ARG B 279 16.26 14.00 15.56
CA ARG B 279 16.21 15.43 15.91
C ARG B 279 17.50 16.14 15.55
N GLU B 280 18.65 15.54 15.91
CA GLU B 280 19.95 16.20 15.68
C GLU B 280 20.22 16.34 14.19
N THR B 281 19.95 15.28 13.44
CA THR B 281 20.13 15.29 11.99
C THR B 281 19.29 16.38 11.32
N VAL B 282 18.02 16.42 11.70
CA VAL B 282 17.11 17.36 11.08
C VAL B 282 17.47 18.78 11.46
N ARG B 283 17.79 18.99 12.74
CA ARG B 283 18.20 20.30 13.19
C ARG B 283 19.41 20.84 12.40
N ALA B 284 20.43 20.01 12.22
CA ALA B 284 21.60 20.41 11.44
C ALA B 284 21.23 20.80 9.98
N ALA B 285 20.31 20.05 9.38
CA ALA B 285 19.84 20.34 8.02
C ALA B 285 19.08 21.69 7.97
N LEU B 286 18.24 21.93 8.96
CA LEU B 286 17.56 23.23 9.11
C LEU B 286 18.53 24.40 9.21
N LYS B 287 19.58 24.24 9.99
CA LYS B 287 20.62 25.26 10.12
C LYS B 287 21.37 25.47 8.79
N HIS B 288 21.70 24.38 8.10
CA HIS B 288 22.37 24.47 6.81
C HIS B 288 21.51 25.25 5.81
N ALA B 289 20.18 25.12 5.94
CA ALA B 289 19.24 25.78 5.06
C ALA B 289 19.04 27.23 5.49
N GLY B 290 19.60 27.64 6.63
CA GLY B 290 19.48 28.99 7.12
C GLY B 290 18.16 29.24 7.82
N LEU B 291 17.53 28.19 8.31
CA LEU B 291 16.16 28.33 8.86
C LEU B 291 16.11 28.44 10.37
N LEU B 292 17.16 27.98 11.03
CA LEU B 292 17.27 28.04 12.49
C LEU B 292 18.54 28.80 12.81
K K C . 4.60 -15.40 21.30
CL CL D . -3.16 -14.05 2.46
N DLY E . -8.77 -0.07 0.65
CA DLY E . -8.34 0.23 2.06
C DLY E . -7.05 -0.46 2.39
O DLY E . -6.61 -1.25 1.58
CB DLY E . -9.42 -0.19 3.04
CG DLY E . -9.66 -1.71 3.15
CD DLY E . -10.86 -1.97 4.07
CE DLY E . -10.92 -3.36 4.71
NZ DLY E . -10.88 -4.43 3.72
OXT DLY E . -6.46 -0.27 3.48
N DLY F . -6.03 3.43 5.57
CA DLY F . -6.75 3.17 4.28
C DLY F . -5.84 3.44 3.12
O DLY F . -6.21 3.21 1.95
CB DLY F . -8.06 4.01 4.18
CG DLY F . -7.82 5.51 4.02
CD DLY F . -9.04 6.36 4.29
CE DLY F . -8.98 7.68 3.54
NZ DLY F . -7.83 8.48 3.93
OXT DLY F . -4.71 3.95 3.31
N DLY G . -15.59 -0.20 -8.35
CA DLY G . -17.01 0.10 -8.81
C DLY G . -17.29 -0.57 -10.15
O DLY G . -18.23 -0.20 -10.84
CB DLY G . -17.21 1.62 -8.89
CG DLY G . -18.64 2.11 -8.64
CD DLY G . -18.69 3.48 -7.97
CE DLY G . -18.97 3.41 -6.47
NZ DLY G . -19.01 4.73 -5.85
OXT DLY G . -16.59 -1.53 -10.56
K K H . -5.67 15.72 -20.71
CL CL I . 1.30 14.55 -1.68
#